data_1PFY
#
_entry.id   1PFY
#
_cell.length_a   78.803
_cell.length_b   45.193
_cell.length_c   86.412
_cell.angle_alpha   90.00
_cell.angle_beta   107.31
_cell.angle_gamma   90.00
#
_symmetry.space_group_name_H-M   'P 1 21 1'
#
loop_
_entity.id
_entity.type
_entity.pdbx_description
1 polymer 'Methionyl-tRNA synthetase'
2 non-polymer 'ZINC ION'
3 non-polymer "5'-O-[(L-METHIONYL)-SULPHAMOYL]ADENOSINE"
4 water water
#
_entity_poly.entity_id   1
_entity_poly.type   'polypeptide(L)'
_entity_poly.pdbx_seq_one_letter_code
;TQVAKKILVTCALPYANGSIHLGHMLEHIQADVWVRYQRMRGHEVNFICADDAHGTPIMLKAQQLGITPEQMIGEMSQEH
QTDFAGFNISYDNYHSTHSEENRQLSELIYSRLKENGFIKNRTISQLYDPEKGMFLPDRFVKGTCPKCKSPDQYGDNCEV
CGATYSPTELIEPKSVVSGATPVMRDSEHFFFDLPSFSEMLQAWTRSGALQEQVANKMQEWFESGLQQWDISRDAPYFGF
EIPNAPGKYFYVWLDAPIGYMGSFKNLCDKRGDSVSFDEYWKKDSTAELYHFIGKDIVYFHSLFWPAMLEGSNFRKPSNL
FVHGYVTVNGAKMSKSRGTFIKASTWLNHFDADSLRYYYTAKLSSRIDDIDLNLEDFVQRVNADIVNKVVNLASRNAGFI
NKRFDGVLASELADPQLYKTFTDAAEVIGEAWESREFGKAVREIMALADLANRYVDEQAPWVVAKQEGRDADLQAICSMG
INLFRVLMTYLKPVLPKLTERAEAFLNTELTWDGIQQPLLGHKVNPFKALYNRIDMRQVEALVEASKEEVK
;
_entity_poly.pdbx_strand_id   A
#
loop_
_chem_comp.id
_chem_comp.type
_chem_comp.name
_chem_comp.formula
ZN non-polymer 'ZINC ION' 'Zn 2'
#
# COMPACT_ATOMS: atom_id res chain seq x y z
N ALA A 4 5.69 20.72 13.09
CA ALA A 4 6.11 19.37 13.61
C ALA A 4 4.89 18.56 14.03
N LYS A 5 4.56 17.56 13.22
CA LYS A 5 3.43 16.69 13.50
C LYS A 5 3.93 15.29 13.81
N LYS A 6 3.12 14.53 14.55
CA LYS A 6 3.43 13.14 14.87
C LYS A 6 2.39 12.37 14.06
N ILE A 7 2.87 11.51 13.16
CA ILE A 7 1.97 10.75 12.30
C ILE A 7 2.28 9.27 12.26
N LEU A 8 1.25 8.44 12.42
CA LEU A 8 1.41 7.00 12.35
C LEU A 8 0.62 6.58 11.11
N VAL A 9 1.32 5.98 10.16
CA VAL A 9 0.70 5.54 8.91
C VAL A 9 0.84 4.03 8.72
N THR A 10 -0.23 3.39 8.25
CA THR A 10 -0.21 1.95 8.02
C THR A 10 -0.78 1.58 6.64
N CYS A 11 -0.45 0.36 6.22
CA CYS A 11 -0.97 -0.23 4.99
C CYS A 11 -1.68 -1.46 5.54
N ALA A 12 -2.64 -2.00 4.81
CA ALA A 12 -3.33 -3.19 5.32
C ALA A 12 -2.29 -4.29 5.52
N LEU A 13 -2.54 -5.17 6.49
CA LEU A 13 -1.62 -6.27 6.78
C LEU A 13 -1.91 -7.41 5.80
N PRO A 14 -0.99 -7.66 4.86
CA PRO A 14 -1.15 -8.72 3.85
C PRO A 14 -1.29 -10.11 4.44
N TYR A 15 -2.21 -10.92 3.90
CA TYR A 15 -2.39 -12.28 4.39
C TYR A 15 -1.13 -13.08 4.09
N ALA A 16 -0.73 -13.91 5.05
CA ALA A 16 0.48 -14.72 4.92
C ALA A 16 0.31 -16.01 4.13
N ASN A 17 -0.73 -16.10 3.30
CA ASN A 17 -0.94 -17.31 2.52
C ASN A 17 -0.85 -17.08 1.02
N GLY A 18 -0.17 -16.01 0.63
CA GLY A 18 -0.02 -15.70 -0.78
C GLY A 18 1.10 -14.72 -1.05
N SER A 19 1.66 -14.76 -2.25
CA SER A 19 2.74 -13.86 -2.62
C SER A 19 2.23 -12.46 -2.94
N ILE A 20 3.11 -11.47 -2.77
CA ILE A 20 2.75 -10.09 -3.06
C ILE A 20 2.63 -9.92 -4.57
N HIS A 21 1.56 -9.26 -5.04
CA HIS A 21 1.41 -9.02 -6.47
C HIS A 21 1.25 -7.53 -6.75
N LEU A 22 1.17 -7.17 -8.02
CA LEU A 22 1.05 -5.76 -8.41
C LEU A 22 -0.14 -5.04 -7.77
N GLY A 23 -1.17 -5.80 -7.43
CA GLY A 23 -2.33 -5.20 -6.79
C GLY A 23 -1.95 -4.67 -5.44
N HIS A 24 -1.27 -5.49 -4.64
CA HIS A 24 -0.80 -5.08 -3.32
C HIS A 24 0.14 -3.88 -3.45
N MET A 25 1.04 -3.94 -4.43
CA MET A 25 2.02 -2.87 -4.60
C MET A 25 1.42 -1.48 -4.82
N LEU A 26 0.26 -1.40 -5.47
CA LEU A 26 -0.38 -0.11 -5.66
C LEU A 26 -0.61 0.51 -4.27
N GLU A 27 -1.11 -0.31 -3.35
CA GLU A 27 -1.37 0.16 -1.99
C GLU A 27 -0.12 0.63 -1.25
N HIS A 28 0.92 -0.19 -1.26
CA HIS A 28 2.14 0.17 -0.55
C HIS A 28 2.89 1.31 -1.20
N ILE A 29 2.79 1.41 -2.52
CA ILE A 29 3.44 2.49 -3.24
C ILE A 29 2.73 3.81 -2.96
N GLN A 30 1.40 3.81 -2.99
CA GLN A 30 0.65 5.04 -2.72
C GLN A 30 1.01 5.57 -1.32
N ALA A 31 1.02 4.68 -0.34
CA ALA A 31 1.34 5.06 1.03
C ALA A 31 2.78 5.57 1.16
N ASP A 32 3.72 4.86 0.54
CA ASP A 32 5.14 5.23 0.61
C ASP A 32 5.41 6.61 0.04
N VAL A 33 4.73 6.97 -1.04
CA VAL A 33 4.93 8.28 -1.65
C VAL A 33 4.45 9.34 -0.66
N TRP A 34 3.28 9.12 -0.06
CA TRP A 34 2.73 10.07 0.90
C TRP A 34 3.66 10.20 2.11
N VAL A 35 4.14 9.04 2.60
CA VAL A 35 5.04 9.00 3.75
C VAL A 35 6.34 9.72 3.48
N ARG A 36 6.95 9.46 2.33
CA ARG A 36 8.20 10.12 2.00
C ARG A 36 8.02 11.63 1.91
N TYR A 37 6.87 12.06 1.38
CA TYR A 37 6.60 13.49 1.28
C TYR A 37 6.49 14.08 2.69
N GLN A 38 5.75 13.40 3.57
CA GLN A 38 5.59 13.86 4.94
C GLN A 38 6.95 13.99 5.64
N ARG A 39 7.86 13.05 5.37
CA ARG A 39 9.18 13.11 5.97
C ARG A 39 9.94 14.33 5.44
N MET A 40 9.80 14.60 4.14
CA MET A 40 10.49 15.75 3.52
C MET A 40 10.03 17.07 4.13
N ARG A 41 8.81 17.13 4.63
CA ARG A 41 8.31 18.36 5.24
C ARG A 41 8.63 18.44 6.74
N GLY A 42 9.49 17.53 7.20
CA GLY A 42 9.95 17.54 8.59
C GLY A 42 9.11 16.96 9.72
N HIS A 43 8.08 16.19 9.40
CA HIS A 43 7.24 15.65 10.46
C HIS A 43 7.80 14.35 11.03
N GLU A 44 7.37 14.01 12.24
CA GLU A 44 7.79 12.75 12.86
C GLU A 44 6.83 11.72 12.27
N VAL A 45 7.35 10.82 11.45
CA VAL A 45 6.52 9.81 10.82
C VAL A 45 6.89 8.38 11.20
N ASN A 46 5.87 7.56 11.41
CA ASN A 46 6.03 6.16 11.75
C ASN A 46 5.18 5.37 10.76
N PHE A 47 5.84 4.75 9.79
CA PHE A 47 5.19 3.95 8.74
C PHE A 47 5.25 2.50 9.22
N ILE A 48 4.06 1.95 9.51
CA ILE A 48 3.90 0.62 10.08
C ILE A 48 3.10 -0.42 9.29
N CYS A 49 3.58 -1.67 9.30
CA CYS A 49 2.87 -2.78 8.65
C CYS A 49 3.23 -4.11 9.30
N ALA A 50 2.73 -5.20 8.73
CA ALA A 50 2.97 -6.55 9.25
C ALA A 50 2.14 -7.55 8.44
N ASP A 51 2.46 -8.83 8.57
CA ASP A 51 1.71 -9.89 7.89
C ASP A 51 0.53 -10.27 8.79
N ASP A 52 -0.61 -10.58 8.17
CA ASP A 52 -1.82 -11.03 8.86
C ASP A 52 -1.66 -12.55 8.78
N ALA A 53 -1.24 -13.17 9.88
CA ALA A 53 -0.94 -14.60 9.89
C ALA A 53 -1.88 -15.60 10.57
N HIS A 54 -3.12 -15.23 10.84
CA HIS A 54 -4.05 -16.14 11.51
C HIS A 54 -5.20 -16.56 10.59
N GLY A 55 -5.95 -17.56 11.00
CA GLY A 55 -7.09 -18.01 10.20
C GLY A 55 -7.03 -19.45 9.75
N THR A 56 -8.20 -20.03 9.52
CA THR A 56 -8.31 -21.43 9.09
C THR A 56 -7.52 -21.73 7.82
N PRO A 57 -7.68 -20.90 6.77
CA PRO A 57 -6.95 -21.14 5.52
C PRO A 57 -5.46 -21.38 5.77
N ILE A 58 -4.85 -20.46 6.51
CA ILE A 58 -3.44 -20.55 6.83
C ILE A 58 -3.15 -21.86 7.56
N MET A 59 -3.99 -22.21 8.53
CA MET A 59 -3.81 -23.44 9.30
C MET A 59 -3.84 -24.67 8.41
N LEU A 60 -4.78 -24.68 7.47
CA LEU A 60 -4.93 -25.81 6.58
C LEU A 60 -3.82 -25.89 5.53
N LYS A 61 -3.36 -24.74 5.05
CA LYS A 61 -2.29 -24.73 4.07
C LYS A 61 -1.05 -25.36 4.68
N ALA A 62 -0.60 -24.83 5.81
CA ALA A 62 0.58 -25.37 6.48
C ALA A 62 0.48 -26.88 6.61
N GLN A 63 -0.71 -27.36 6.99
CA GLN A 63 -0.95 -28.79 7.16
C GLN A 63 -0.73 -29.58 5.87
N GLN A 64 -1.16 -29.01 4.74
CA GLN A 64 -1.00 -29.67 3.46
C GLN A 64 0.49 -29.75 3.11
N LEU A 65 1.18 -28.62 3.29
CA LEU A 65 2.60 -28.54 3.01
C LEU A 65 3.43 -29.41 3.95
N GLY A 66 2.79 -29.90 5.01
CA GLY A 66 3.49 -30.75 5.96
C GLY A 66 4.42 -29.99 6.90
N ILE A 67 4.07 -28.74 7.20
CA ILE A 67 4.87 -27.92 8.09
C ILE A 67 3.99 -27.14 9.06
N THR A 68 4.59 -26.70 10.16
CA THR A 68 3.87 -25.93 11.18
C THR A 68 3.45 -24.59 10.59
N PRO A 69 2.28 -24.07 11.00
CA PRO A 69 1.84 -22.78 10.48
C PRO A 69 2.90 -21.72 10.75
N GLU A 70 3.58 -21.86 11.88
CA GLU A 70 4.62 -20.93 12.26
C GLU A 70 5.80 -20.96 11.28
N GLN A 71 6.03 -22.11 10.67
CA GLN A 71 7.13 -22.21 9.70
C GLN A 71 6.71 -21.52 8.41
N MET A 72 5.51 -21.85 7.93
CA MET A 72 5.02 -21.25 6.70
C MET A 72 4.93 -19.73 6.79
N ILE A 73 4.35 -19.21 7.87
CA ILE A 73 4.21 -17.76 8.02
C ILE A 73 5.58 -17.11 8.14
N GLY A 74 6.54 -17.83 8.72
CA GLY A 74 7.88 -17.27 8.85
C GLY A 74 8.48 -17.08 7.47
N GLU A 75 8.31 -18.08 6.61
CA GLU A 75 8.85 -18.04 5.25
C GLU A 75 8.15 -16.96 4.41
N MET A 76 6.84 -16.84 4.57
CA MET A 76 6.08 -15.83 3.84
C MET A 76 6.41 -14.42 4.31
N SER A 77 6.70 -14.27 5.60
CA SER A 77 7.04 -12.96 6.14
C SER A 77 8.33 -12.46 5.51
N GLN A 78 9.32 -13.35 5.37
CA GLN A 78 10.59 -12.96 4.76
C GLN A 78 10.40 -12.68 3.27
N GLU A 79 9.56 -13.48 2.62
CA GLU A 79 9.31 -13.31 1.19
C GLU A 79 8.66 -11.94 0.97
N HIS A 80 7.64 -11.64 1.75
CA HIS A 80 6.94 -10.37 1.63
C HIS A 80 7.87 -9.18 1.84
N GLN A 81 8.63 -9.20 2.92
CA GLN A 81 9.52 -8.08 3.21
C GLN A 81 10.61 -7.89 2.15
N THR A 82 11.06 -9.00 1.57
CA THR A 82 12.08 -8.92 0.52
C THR A 82 11.49 -8.20 -0.68
N ASP A 83 10.25 -8.53 -1.03
CA ASP A 83 9.59 -7.87 -2.16
C ASP A 83 9.37 -6.38 -1.87
N PHE A 84 8.80 -6.07 -0.71
CA PHE A 84 8.57 -4.67 -0.36
C PHE A 84 9.89 -3.88 -0.36
N ALA A 85 10.95 -4.51 0.14
CA ALA A 85 12.26 -3.86 0.16
C ALA A 85 12.73 -3.58 -1.27
N GLY A 86 12.38 -4.48 -2.18
CA GLY A 86 12.75 -4.32 -3.57
C GLY A 86 12.06 -3.14 -4.24
N PHE A 87 10.93 -2.72 -3.68
CA PHE A 87 10.21 -1.58 -4.22
C PHE A 87 10.43 -0.34 -3.37
N ASN A 88 11.36 -0.46 -2.43
CA ASN A 88 11.73 0.64 -1.52
C ASN A 88 10.59 1.23 -0.71
N ILE A 89 9.75 0.37 -0.15
CA ILE A 89 8.66 0.83 0.71
C ILE A 89 9.38 1.03 2.04
N SER A 90 9.47 2.27 2.49
CA SER A 90 10.20 2.65 3.70
C SER A 90 9.58 2.44 5.08
N TYR A 91 9.15 1.21 5.39
CA TYR A 91 8.55 0.97 6.70
C TYR A 91 9.54 1.23 7.83
N ASP A 92 9.03 1.70 8.96
CA ASP A 92 9.84 1.92 10.14
C ASP A 92 9.77 0.62 10.94
N ASN A 93 8.76 -0.20 10.64
CA ASN A 93 8.58 -1.50 11.29
C ASN A 93 7.60 -2.39 10.52
N TYR A 94 7.99 -3.65 10.34
CA TYR A 94 7.14 -4.64 9.67
C TYR A 94 7.11 -5.81 10.64
N HIS A 95 5.98 -6.01 11.31
CA HIS A 95 5.85 -7.06 12.33
C HIS A 95 4.94 -8.22 11.90
N SER A 96 4.17 -8.75 12.85
CA SER A 96 3.27 -9.87 12.59
C SER A 96 2.08 -9.89 13.55
N THR A 97 0.92 -10.34 13.08
CA THR A 97 -0.25 -10.40 13.94
C THR A 97 -0.05 -11.55 14.93
N HIS A 98 0.83 -12.48 14.58
CA HIS A 98 1.14 -13.62 15.45
C HIS A 98 2.39 -13.21 16.22
N SER A 99 2.19 -12.46 17.30
CA SER A 99 3.28 -11.98 18.12
C SER A 99 2.78 -11.75 19.54
N GLU A 100 3.69 -11.65 20.49
CA GLU A 100 3.32 -11.45 21.88
C GLU A 100 2.64 -10.10 22.05
N GLU A 101 3.14 -9.09 21.34
CA GLU A 101 2.54 -7.76 21.44
C GLU A 101 1.06 -7.81 21.05
N ASN A 102 0.74 -8.42 19.91
CA ASN A 102 -0.64 -8.51 19.44
C ASN A 102 -1.48 -9.39 20.37
N ARG A 103 -0.90 -10.46 20.89
CA ARG A 103 -1.64 -11.33 21.80
C ARG A 103 -2.08 -10.53 23.03
N GLN A 104 -1.15 -9.85 23.67
CA GLN A 104 -1.49 -9.07 24.86
C GLN A 104 -2.48 -7.95 24.57
N LEU A 105 -2.28 -7.26 23.46
CA LEU A 105 -3.18 -6.18 23.08
C LEU A 105 -4.58 -6.71 22.72
N SER A 106 -4.63 -7.88 22.09
CA SER A 106 -5.92 -8.47 21.73
C SER A 106 -6.67 -8.89 23.00
N GLU A 107 -5.95 -9.46 23.95
CA GLU A 107 -6.59 -9.88 25.20
C GLU A 107 -7.06 -8.68 26.00
N LEU A 108 -6.28 -7.60 25.98
CA LEU A 108 -6.60 -6.38 26.70
C LEU A 108 -7.89 -5.77 26.17
N ILE A 109 -7.93 -5.52 24.86
CA ILE A 109 -9.10 -4.92 24.24
C ILE A 109 -10.35 -5.76 24.46
N TYR A 110 -10.22 -7.08 24.30
CA TYR A 110 -11.36 -7.96 24.52
C TYR A 110 -11.89 -7.84 25.94
N SER A 111 -10.98 -7.92 26.92
CA SER A 111 -11.33 -7.83 28.32
C SER A 111 -12.04 -6.51 28.65
N ARG A 112 -11.56 -5.41 28.07
CA ARG A 112 -12.18 -4.11 28.32
C ARG A 112 -13.58 -4.07 27.70
N LEU A 113 -13.71 -4.59 26.49
CA LEU A 113 -15.01 -4.61 25.82
C LEU A 113 -16.01 -5.44 26.63
N LYS A 114 -15.56 -6.59 27.10
CA LYS A 114 -16.42 -7.46 27.90
C LYS A 114 -16.77 -6.76 29.19
N GLU A 115 -15.76 -6.18 29.84
CA GLU A 115 -15.91 -5.46 31.08
C GLU A 115 -16.93 -4.32 30.90
N ASN A 116 -16.92 -3.73 29.71
CA ASN A 116 -17.81 -2.62 29.38
C ASN A 116 -19.16 -3.06 28.85
N GLY A 117 -19.41 -4.37 28.89
CA GLY A 117 -20.69 -4.92 28.44
C GLY A 117 -20.92 -4.98 26.94
N PHE A 118 -19.84 -5.03 26.16
CA PHE A 118 -19.97 -5.07 24.71
C PHE A 118 -19.80 -6.46 24.09
N ILE A 119 -19.67 -7.48 24.94
CA ILE A 119 -19.51 -8.85 24.45
C ILE A 119 -20.69 -9.72 24.91
N LYS A 120 -21.32 -10.40 23.96
CA LYS A 120 -22.47 -11.26 24.28
C LYS A 120 -22.18 -12.72 23.92
N ASN A 121 -22.88 -13.64 24.60
CA ASN A 121 -22.74 -15.08 24.36
C ASN A 121 -23.95 -15.57 23.59
N ARG A 122 -23.73 -16.45 22.61
CA ARG A 122 -24.84 -16.96 21.81
C ARG A 122 -24.48 -18.27 21.13
N THR A 123 -25.41 -19.21 21.12
CA THR A 123 -25.17 -20.51 20.47
C THR A 123 -25.66 -20.48 19.03
N ILE A 124 -24.89 -21.10 18.14
CA ILE A 124 -25.24 -21.15 16.72
C ILE A 124 -25.03 -22.56 16.18
N SER A 125 -25.62 -22.83 15.01
CA SER A 125 -25.48 -24.12 14.35
C SER A 125 -24.63 -23.96 13.10
N GLN A 126 -23.75 -24.92 12.85
CA GLN A 126 -22.86 -24.84 11.69
C GLN A 126 -22.44 -26.23 11.20
N LEU A 127 -22.11 -26.33 9.91
CA LEU A 127 -21.66 -27.58 9.32
C LEU A 127 -20.40 -28.01 10.06
N TYR A 128 -20.31 -29.30 10.38
CA TYR A 128 -19.17 -29.83 11.14
C TYR A 128 -18.61 -31.11 10.53
N ASP A 129 -17.29 -31.19 10.44
CA ASP A 129 -16.61 -32.37 9.90
C ASP A 129 -16.35 -33.32 11.06
N PRO A 130 -17.18 -34.36 11.20
CA PRO A 130 -17.02 -35.34 12.29
C PRO A 130 -15.72 -36.14 12.21
N GLU A 131 -15.22 -36.33 10.99
CA GLU A 131 -14.00 -37.09 10.79
C GLU A 131 -12.77 -36.28 11.21
N LYS A 132 -12.61 -35.12 10.60
CA LYS A 132 -11.48 -34.22 10.92
C LYS A 132 -11.71 -33.56 12.28
N GLY A 133 -12.97 -33.49 12.69
CA GLY A 133 -13.30 -32.87 13.97
C GLY A 133 -13.11 -31.37 13.96
N MET A 134 -13.74 -30.69 13.00
CA MET A 134 -13.63 -29.24 12.89
C MET A 134 -14.84 -28.65 12.16
N PHE A 135 -15.27 -27.46 12.58
CA PHE A 135 -16.39 -26.81 11.92
C PHE A 135 -15.87 -26.34 10.57
N LEU A 136 -16.72 -26.38 9.55
CA LEU A 136 -16.31 -26.01 8.21
C LEU A 136 -16.85 -24.69 7.67
N PRO A 137 -15.94 -23.81 7.24
CA PRO A 137 -16.41 -22.52 6.69
C PRO A 137 -17.06 -22.92 5.36
N ASP A 138 -17.91 -22.06 4.82
CA ASP A 138 -18.60 -22.36 3.57
C ASP A 138 -17.70 -22.86 2.43
N ARG A 139 -16.60 -22.15 2.18
CA ARG A 139 -15.68 -22.52 1.11
C ARG A 139 -15.03 -23.90 1.26
N PHE A 140 -15.22 -24.54 2.41
CA PHE A 140 -14.65 -25.87 2.62
C PHE A 140 -15.73 -26.94 2.61
N VAL A 141 -16.87 -26.59 2.03
CA VAL A 141 -18.00 -27.52 1.91
C VAL A 141 -18.32 -27.65 0.42
N LYS A 142 -18.18 -28.86 -0.11
CA LYS A 142 -18.45 -29.10 -1.52
C LYS A 142 -19.54 -30.15 -1.71
N GLY A 143 -20.30 -30.02 -2.80
CA GLY A 143 -21.37 -30.95 -3.09
C GLY A 143 -22.00 -30.66 -4.44
N THR A 144 -23.19 -31.22 -4.65
CA THR A 144 -23.92 -31.04 -5.90
C THR A 144 -24.94 -29.91 -5.79
N CYS A 145 -24.91 -28.99 -6.76
CA CYS A 145 -25.83 -27.86 -6.79
C CYS A 145 -27.28 -28.33 -6.75
N PRO A 146 -28.08 -27.76 -5.84
CA PRO A 146 -29.50 -28.10 -5.68
C PRO A 146 -30.33 -27.80 -6.92
N LYS A 147 -29.95 -26.76 -7.63
CA LYS A 147 -30.67 -26.32 -8.82
C LYS A 147 -30.37 -27.14 -10.09
N CYS A 148 -29.20 -26.93 -10.68
CA CYS A 148 -28.84 -27.63 -11.91
C CYS A 148 -28.27 -29.03 -11.71
N LYS A 149 -27.96 -29.38 -10.46
CA LYS A 149 -27.43 -30.69 -10.13
C LYS A 149 -25.98 -30.92 -10.58
N SER A 150 -25.23 -29.84 -10.80
CA SER A 150 -23.83 -29.99 -11.22
C SER A 150 -22.98 -30.45 -10.04
N PRO A 151 -22.12 -31.46 -10.27
CA PRO A 151 -21.23 -32.01 -9.23
C PRO A 151 -20.00 -31.16 -8.93
N ASP A 152 -19.40 -31.43 -7.77
CA ASP A 152 -18.19 -30.74 -7.32
C ASP A 152 -18.25 -29.22 -7.16
N GLN A 153 -19.33 -28.72 -6.58
CA GLN A 153 -19.45 -27.27 -6.37
C GLN A 153 -19.02 -26.90 -4.96
N TYR A 154 -18.36 -25.76 -4.83
CA TYR A 154 -17.87 -25.29 -3.53
C TYR A 154 -18.62 -24.07 -2.99
N GLY A 155 -18.64 -23.95 -1.68
CA GLY A 155 -19.30 -22.82 -1.03
C GLY A 155 -20.79 -22.64 -1.22
N ASP A 156 -21.20 -21.38 -1.25
CA ASP A 156 -22.60 -21.02 -1.39
C ASP A 156 -23.06 -20.72 -2.82
N ASN A 157 -22.23 -21.04 -3.81
CA ASN A 157 -22.62 -20.76 -5.20
C ASN A 157 -22.13 -21.82 -6.19
N CYS A 158 -22.88 -21.98 -7.28
CA CYS A 158 -22.55 -22.93 -8.32
C CYS A 158 -21.89 -22.20 -9.49
N GLU A 159 -20.70 -22.65 -9.85
CA GLU A 159 -19.97 -22.02 -10.96
C GLU A 159 -20.51 -22.46 -12.32
N VAL A 160 -21.57 -23.27 -12.32
CA VAL A 160 -22.16 -23.73 -13.57
C VAL A 160 -23.41 -22.92 -13.93
N CYS A 161 -24.42 -22.93 -13.06
CA CYS A 161 -25.64 -22.18 -13.32
C CYS A 161 -25.60 -20.82 -12.64
N GLY A 162 -24.63 -20.64 -11.74
CA GLY A 162 -24.48 -19.38 -11.05
C GLY A 162 -25.43 -19.09 -9.90
N ALA A 163 -26.22 -20.09 -9.51
CA ALA A 163 -27.16 -19.91 -8.41
C ALA A 163 -26.44 -19.80 -7.07
N THR A 164 -27.09 -19.12 -6.11
CA THR A 164 -26.52 -18.96 -4.78
C THR A 164 -27.40 -19.71 -3.78
N TYR A 165 -26.78 -20.23 -2.71
CA TYR A 165 -27.51 -21.00 -1.72
C TYR A 165 -26.64 -21.30 -0.51
N SER A 166 -27.27 -21.71 0.59
CA SER A 166 -26.53 -22.06 1.80
C SER A 166 -25.90 -23.43 1.55
N PRO A 167 -24.65 -23.63 2.00
CA PRO A 167 -23.97 -24.92 1.81
C PRO A 167 -24.85 -26.08 2.27
N THR A 168 -25.73 -25.82 3.23
CA THR A 168 -26.63 -26.83 3.76
C THR A 168 -27.59 -27.34 2.69
N GLU A 169 -27.74 -26.56 1.62
CA GLU A 169 -28.63 -26.94 0.53
C GLU A 169 -27.95 -27.83 -0.51
N LEU A 170 -26.63 -27.94 -0.42
CA LEU A 170 -25.87 -28.77 -1.35
C LEU A 170 -26.26 -30.23 -1.23
N ILE A 171 -26.38 -30.89 -2.38
CA ILE A 171 -26.74 -32.30 -2.42
C ILE A 171 -25.50 -33.16 -2.17
N GLU A 172 -25.63 -34.13 -1.27
CA GLU A 172 -24.53 -35.02 -0.92
C GLU A 172 -23.27 -34.23 -0.56
N PRO A 173 -23.33 -33.39 0.49
CA PRO A 173 -22.19 -32.57 0.94
C PRO A 173 -20.95 -33.39 1.26
N LYS A 174 -19.78 -32.75 1.19
CA LYS A 174 -18.52 -33.40 1.48
C LYS A 174 -17.49 -32.39 1.96
N SER A 175 -16.73 -32.75 3.00
CA SER A 175 -15.72 -31.87 3.54
C SER A 175 -14.53 -31.82 2.59
N VAL A 176 -14.04 -30.62 2.29
CA VAL A 176 -12.90 -30.47 1.41
C VAL A 176 -11.64 -30.90 2.14
N VAL A 177 -11.75 -31.02 3.46
CA VAL A 177 -10.62 -31.41 4.29
C VAL A 177 -10.44 -32.92 4.41
N SER A 178 -11.52 -33.63 4.71
CA SER A 178 -11.45 -35.08 4.89
C SER A 178 -12.27 -35.86 3.86
N GLY A 179 -13.22 -35.17 3.23
CA GLY A 179 -14.07 -35.84 2.26
C GLY A 179 -15.23 -36.51 2.97
N ALA A 180 -15.24 -36.41 4.29
CA ALA A 180 -16.30 -37.00 5.10
C ALA A 180 -17.59 -36.20 4.94
N THR A 181 -18.72 -36.82 5.23
CA THR A 181 -20.01 -36.15 5.14
C THR A 181 -20.23 -35.28 6.36
N PRO A 182 -20.42 -33.97 6.16
CA PRO A 182 -20.63 -33.02 7.26
C PRO A 182 -22.03 -33.07 7.86
N VAL A 183 -22.17 -32.54 9.08
CA VAL A 183 -23.44 -32.52 9.79
C VAL A 183 -23.54 -31.27 10.65
N MET A 184 -24.78 -30.86 10.97
CA MET A 184 -25.01 -29.68 11.79
C MET A 184 -24.59 -29.96 13.23
N ARG A 185 -23.98 -28.96 13.88
CA ARG A 185 -23.53 -29.11 15.26
C ARG A 185 -23.57 -27.74 15.93
N ASP A 186 -24.01 -27.69 17.18
CA ASP A 186 -24.10 -26.44 17.93
C ASP A 186 -22.76 -26.03 18.53
N SER A 187 -22.65 -24.75 18.87
CA SER A 187 -21.42 -24.21 19.45
C SER A 187 -21.64 -22.81 19.99
N GLU A 188 -21.07 -22.52 21.16
CA GLU A 188 -21.20 -21.20 21.76
C GLU A 188 -20.22 -20.22 21.13
N HIS A 189 -20.72 -19.04 20.76
CA HIS A 189 -19.88 -18.02 20.16
C HIS A 189 -19.97 -16.69 20.90
N PHE A 190 -18.92 -15.88 20.77
CA PHE A 190 -18.86 -14.56 21.40
C PHE A 190 -19.07 -13.50 20.33
N PHE A 191 -19.92 -12.53 20.63
CA PHE A 191 -20.23 -11.47 19.69
C PHE A 191 -19.90 -10.08 20.21
N PHE A 192 -19.43 -9.22 19.30
CA PHE A 192 -19.11 -7.84 19.64
C PHE A 192 -20.36 -7.04 19.29
N ASP A 193 -20.86 -6.28 20.25
CA ASP A 193 -22.08 -5.50 20.05
C ASP A 193 -21.89 -4.22 19.24
N LEU A 194 -21.58 -4.37 17.96
CA LEU A 194 -21.39 -3.21 17.08
C LEU A 194 -22.58 -2.25 17.09
N PRO A 195 -23.82 -2.77 17.13
CA PRO A 195 -24.99 -1.89 17.13
C PRO A 195 -24.99 -0.79 18.17
N SER A 196 -24.34 -1.01 19.30
CA SER A 196 -24.28 -0.02 20.35
C SER A 196 -23.56 1.26 19.95
N PHE A 197 -22.67 1.16 18.96
CA PHE A 197 -21.90 2.32 18.53
C PHE A 197 -22.47 2.97 17.28
N SER A 198 -23.68 2.59 16.91
CA SER A 198 -24.36 3.11 15.73
C SER A 198 -24.33 4.64 15.62
N GLU A 199 -24.82 5.33 16.64
CA GLU A 199 -24.85 6.79 16.58
C GLU A 199 -23.46 7.39 16.50
N MET A 200 -22.52 6.83 17.26
CA MET A 200 -21.14 7.29 17.27
C MET A 200 -20.57 7.17 15.85
N LEU A 201 -20.81 6.03 15.22
CA LEU A 201 -20.29 5.80 13.87
C LEU A 201 -20.94 6.69 12.82
N GLN A 202 -22.25 6.94 12.95
CA GLN A 202 -22.94 7.80 12.01
C GLN A 202 -22.39 9.23 12.03
N ALA A 203 -22.09 9.74 13.22
CA ALA A 203 -21.54 11.09 13.34
C ALA A 203 -20.15 11.11 12.69
N TRP A 204 -19.41 10.03 12.91
CA TRP A 204 -18.07 9.89 12.37
C TRP A 204 -18.10 9.96 10.84
N THR A 205 -19.06 9.26 10.24
CA THR A 205 -19.23 9.22 8.79
C THR A 205 -19.63 10.58 8.22
N ARG A 206 -20.37 11.33 9.01
CA ARG A 206 -20.94 12.62 8.64
C ARG A 206 -20.05 13.85 8.83
N SER A 207 -18.84 13.65 9.35
CA SER A 207 -17.95 14.78 9.60
C SER A 207 -17.24 15.37 8.38
N GLY A 208 -17.29 14.65 7.25
CA GLY A 208 -16.62 15.14 6.05
C GLY A 208 -15.14 14.78 6.01
N ALA A 209 -14.70 13.96 6.97
CA ALA A 209 -13.31 13.53 7.03
C ALA A 209 -13.08 12.42 6.01
N LEU A 210 -13.92 11.39 6.05
CA LEU A 210 -13.81 10.26 5.14
C LEU A 210 -14.10 10.67 3.71
N GLN A 211 -13.57 9.91 2.77
CA GLN A 211 -13.81 10.18 1.36
C GLN A 211 -15.31 10.12 1.09
N GLU A 212 -15.77 10.96 0.18
CA GLU A 212 -17.19 11.03 -0.17
C GLU A 212 -17.78 9.67 -0.54
N GLN A 213 -17.08 8.92 -1.39
CA GLN A 213 -17.55 7.61 -1.83
C GLN A 213 -17.65 6.62 -0.66
N VAL A 214 -16.75 6.75 0.30
CA VAL A 214 -16.76 5.86 1.45
C VAL A 214 -17.94 6.20 2.35
N ALA A 215 -18.17 7.49 2.57
CA ALA A 215 -19.29 7.94 3.39
C ALA A 215 -20.58 7.37 2.80
N ASN A 216 -20.73 7.52 1.48
CA ASN A 216 -21.91 7.02 0.78
C ASN A 216 -22.07 5.52 1.03
N LYS A 217 -20.97 4.79 0.91
CA LYS A 217 -20.99 3.34 1.12
C LYS A 217 -21.50 3.02 2.51
N MET A 218 -21.00 3.76 3.51
CA MET A 218 -21.40 3.55 4.89
C MET A 218 -22.89 3.77 5.11
N GLN A 219 -23.47 4.75 4.41
CA GLN A 219 -24.89 5.01 4.57
C GLN A 219 -25.68 3.78 4.15
N GLU A 220 -25.17 3.06 3.14
CA GLU A 220 -25.81 1.84 2.67
C GLU A 220 -25.79 0.80 3.78
N TRP A 221 -24.67 0.69 4.47
CA TRP A 221 -24.54 -0.28 5.55
C TRP A 221 -25.42 0.06 6.75
N PHE A 222 -25.55 1.34 7.07
CA PHE A 222 -26.41 1.74 8.19
C PHE A 222 -27.86 1.42 7.83
N GLU A 223 -28.20 1.62 6.56
CA GLU A 223 -29.56 1.36 6.07
C GLU A 223 -29.88 -0.13 6.18
N SER A 224 -28.93 -0.98 5.76
CA SER A 224 -29.16 -2.41 5.85
C SER A 224 -29.30 -2.82 7.30
N GLY A 225 -28.66 -2.05 8.19
CA GLY A 225 -28.74 -2.33 9.61
C GLY A 225 -27.52 -3.05 10.16
N LEU A 226 -26.90 -2.47 11.19
CA LEU A 226 -25.73 -3.08 11.80
C LEU A 226 -26.16 -4.27 12.64
N GLN A 227 -25.31 -5.29 12.71
CA GLN A 227 -25.62 -6.49 13.48
C GLN A 227 -24.47 -6.82 14.41
N GLN A 228 -24.70 -7.72 15.35
CA GLN A 228 -23.63 -8.12 16.27
C GLN A 228 -22.66 -8.94 15.43
N TRP A 229 -21.37 -8.81 15.78
CA TRP A 229 -20.30 -9.47 15.05
C TRP A 229 -19.71 -10.67 15.79
N ASP A 230 -19.76 -11.83 15.13
CA ASP A 230 -19.24 -13.09 15.66
C ASP A 230 -17.70 -13.05 15.61
N ILE A 231 -17.07 -12.86 16.76
CA ILE A 231 -15.61 -12.78 16.80
C ILE A 231 -14.89 -14.00 17.37
N SER A 232 -15.58 -15.13 17.50
CA SER A 232 -14.94 -16.33 18.02
C SER A 232 -14.98 -17.48 17.02
N ARG A 233 -13.96 -18.35 17.09
CA ARG A 233 -13.88 -19.52 16.22
C ARG A 233 -13.42 -20.72 17.06
N ASP A 234 -13.98 -21.89 16.81
CA ASP A 234 -13.62 -23.08 17.55
C ASP A 234 -12.35 -23.77 17.09
N ALA A 235 -11.73 -24.52 18.00
CA ALA A 235 -10.54 -25.27 17.65
C ALA A 235 -11.05 -26.35 16.69
N PRO A 236 -10.20 -26.81 15.76
CA PRO A 236 -8.80 -26.38 15.56
C PRO A 236 -8.76 -25.03 14.85
N TYR A 237 -7.83 -24.18 15.27
CA TYR A 237 -7.71 -22.86 14.67
C TYR A 237 -6.33 -22.31 14.99
N PHE A 238 -5.74 -21.59 14.04
CA PHE A 238 -4.43 -20.99 14.26
C PHE A 238 -4.66 -19.54 14.62
N GLY A 239 -4.65 -19.25 15.91
CA GLY A 239 -4.88 -17.88 16.35
C GLY A 239 -4.68 -17.73 17.85
N PHE A 240 -5.28 -16.70 18.42
CA PHE A 240 -5.18 -16.41 19.85
C PHE A 240 -6.35 -16.98 20.65
N GLU A 241 -6.04 -17.77 21.67
CA GLU A 241 -7.09 -18.36 22.51
C GLU A 241 -7.79 -17.29 23.33
N ILE A 242 -9.10 -17.44 23.52
CA ILE A 242 -9.87 -16.46 24.29
C ILE A 242 -9.73 -16.76 25.79
N PRO A 243 -9.36 -15.73 26.58
CA PRO A 243 -9.21 -15.90 28.03
C PRO A 243 -10.48 -16.48 28.66
N ASN A 244 -10.30 -17.45 29.55
CA ASN A 244 -11.43 -18.08 30.25
C ASN A 244 -12.38 -18.87 29.33
N ALA A 245 -11.96 -19.08 28.08
CA ALA A 245 -12.82 -19.82 27.14
C ALA A 245 -12.06 -20.93 26.43
N PRO A 246 -11.75 -22.04 27.14
CA PRO A 246 -11.03 -23.17 26.56
C PRO A 246 -11.61 -23.62 25.22
N GLY A 247 -10.73 -23.88 24.26
CA GLY A 247 -11.17 -24.34 22.95
C GLY A 247 -11.73 -23.27 22.02
N LYS A 248 -11.77 -22.02 22.49
CA LYS A 248 -12.28 -20.91 21.68
C LYS A 248 -11.15 -19.95 21.32
N TYR A 249 -11.17 -19.42 20.09
CA TYR A 249 -10.15 -18.49 19.61
C TYR A 249 -10.75 -17.22 19.02
N PHE A 250 -9.96 -16.16 19.01
CA PHE A 250 -10.42 -14.91 18.42
C PHE A 250 -10.40 -15.07 16.91
N TYR A 251 -11.49 -14.65 16.26
CA TYR A 251 -11.60 -14.70 14.80
C TYR A 251 -10.48 -13.79 14.31
N VAL A 252 -9.81 -14.21 13.24
CA VAL A 252 -8.69 -13.44 12.69
C VAL A 252 -8.95 -11.95 12.47
N TRP A 253 -10.14 -11.58 12.00
CA TRP A 253 -10.42 -10.17 11.76
C TRP A 253 -10.54 -9.35 13.04
N LEU A 254 -10.66 -10.02 14.17
CA LEU A 254 -10.73 -9.31 15.44
C LEU A 254 -9.31 -8.88 15.80
N ASP A 255 -8.34 -9.78 15.67
CA ASP A 255 -6.96 -9.45 16.05
C ASP A 255 -6.14 -8.75 14.97
N ALA A 256 -6.58 -8.84 13.72
CA ALA A 256 -5.85 -8.24 12.61
C ALA A 256 -5.59 -6.72 12.73
N PRO A 257 -6.65 -5.91 12.92
CA PRO A 257 -6.37 -4.46 13.05
C PRO A 257 -5.62 -4.15 14.35
N ILE A 258 -5.79 -4.99 15.36
CA ILE A 258 -5.07 -4.76 16.61
C ILE A 258 -3.58 -4.94 16.29
N GLY A 259 -3.32 -5.65 15.19
CA GLY A 259 -1.95 -5.88 14.75
C GLY A 259 -1.24 -4.58 14.45
N TYR A 260 -2.00 -3.55 14.05
CA TYR A 260 -1.43 -2.23 13.78
C TYR A 260 -0.80 -1.74 15.09
N MET A 261 -1.54 -1.92 16.18
CA MET A 261 -1.07 -1.52 17.51
C MET A 261 0.09 -2.40 17.96
N GLY A 262 -0.01 -3.70 17.69
CA GLY A 262 1.04 -4.62 18.06
C GLY A 262 2.35 -4.30 17.37
N SER A 263 2.27 -3.91 16.09
CA SER A 263 3.48 -3.59 15.35
C SER A 263 4.11 -2.30 15.87
N PHE A 264 3.29 -1.35 16.30
CA PHE A 264 3.83 -0.10 16.81
C PHE A 264 4.43 -0.32 18.20
N LYS A 265 3.77 -1.14 19.02
CA LYS A 265 4.31 -1.41 20.35
C LYS A 265 5.67 -2.09 20.16
N ASN A 266 5.73 -3.03 19.24
CA ASN A 266 6.97 -3.75 18.95
C ASN A 266 8.08 -2.76 18.60
N LEU A 267 7.75 -1.78 17.76
CA LEU A 267 8.72 -0.77 17.35
C LEU A 267 9.21 0.03 18.55
N CYS A 268 8.26 0.48 19.37
CA CYS A 268 8.60 1.26 20.56
C CYS A 268 9.49 0.45 21.50
N ASP A 269 9.09 -0.78 21.79
CA ASP A 269 9.87 -1.62 22.69
C ASP A 269 11.28 -1.86 22.15
N LYS A 270 11.41 -2.05 20.83
CA LYS A 270 12.74 -2.28 20.26
C LYS A 270 13.62 -1.02 20.35
N ARG A 271 13.00 0.14 20.31
CA ARG A 271 13.72 1.41 20.40
C ARG A 271 14.00 1.78 21.87
N GLY A 272 13.39 1.04 22.79
CA GLY A 272 13.57 1.34 24.20
C GLY A 272 12.77 2.58 24.56
N ASP A 273 11.76 2.87 23.74
CA ASP A 273 10.89 4.02 23.90
C ASP A 273 9.67 3.64 24.74
N SER A 274 9.59 4.17 25.96
CA SER A 274 8.47 3.83 26.86
C SER A 274 7.33 4.85 26.92
N VAL A 275 7.37 5.89 26.09
CA VAL A 275 6.31 6.88 26.12
C VAL A 275 5.48 7.05 24.85
N SER A 276 6.07 6.75 23.70
CA SER A 276 5.37 6.93 22.43
C SER A 276 4.13 6.10 22.17
N PHE A 277 4.08 4.87 22.64
CA PHE A 277 2.88 4.07 22.38
C PHE A 277 1.65 4.78 22.93
N ASP A 278 1.71 5.18 24.19
CA ASP A 278 0.60 5.89 24.81
C ASP A 278 0.34 7.25 24.15
N GLU A 279 1.41 7.95 23.77
CA GLU A 279 1.23 9.26 23.15
C GLU A 279 0.46 9.15 21.83
N TYR A 280 0.61 8.02 21.14
CA TYR A 280 -0.08 7.81 19.87
C TYR A 280 -1.45 7.13 19.99
N TRP A 281 -1.63 6.28 20.99
CA TRP A 281 -2.90 5.56 21.10
C TRP A 281 -3.88 5.94 22.21
N LYS A 282 -3.45 6.73 23.18
CA LYS A 282 -4.34 7.14 24.27
C LYS A 282 -5.44 8.02 23.68
N LYS A 283 -6.59 8.07 24.35
CA LYS A 283 -7.72 8.85 23.88
C LYS A 283 -7.44 10.34 23.60
N ASP A 284 -6.60 10.97 24.41
CA ASP A 284 -6.32 12.39 24.21
C ASP A 284 -5.05 12.63 23.39
N SER A 285 -4.72 11.69 22.52
CA SER A 285 -3.53 11.82 21.67
C SER A 285 -3.63 13.00 20.72
N THR A 286 -2.51 13.68 20.48
CA THR A 286 -2.48 14.80 19.55
C THR A 286 -1.78 14.35 18.26
N ALA A 287 -1.44 13.06 18.20
CA ALA A 287 -0.79 12.51 17.02
C ALA A 287 -1.87 12.10 16.02
N GLU A 288 -1.49 11.96 14.75
CA GLU A 288 -2.43 11.58 13.70
C GLU A 288 -2.26 10.11 13.33
N LEU A 289 -3.39 9.43 13.08
CA LEU A 289 -3.39 8.02 12.72
C LEU A 289 -4.11 7.84 11.38
N TYR A 290 -3.41 7.23 10.41
CA TYR A 290 -3.96 7.02 9.08
C TYR A 290 -3.79 5.59 8.58
N HIS A 291 -4.86 5.05 8.00
CA HIS A 291 -4.83 3.69 7.46
C HIS A 291 -5.08 3.70 5.95
N PHE A 292 -4.13 3.20 5.17
CA PHE A 292 -4.31 3.09 3.72
C PHE A 292 -4.83 1.66 3.51
N ILE A 293 -5.99 1.53 2.87
CA ILE A 293 -6.60 0.22 2.63
C ILE A 293 -7.35 0.16 1.29
N GLY A 294 -7.68 -1.05 0.85
CA GLY A 294 -8.42 -1.25 -0.38
C GLY A 294 -9.92 -1.22 -0.07
N LYS A 295 -10.76 -0.94 -1.05
CA LYS A 295 -12.20 -0.85 -0.80
C LYS A 295 -12.94 -2.12 -0.37
N ASP A 296 -12.28 -3.27 -0.43
CA ASP A 296 -12.91 -4.53 -0.04
C ASP A 296 -12.85 -4.80 1.46
N ILE A 297 -12.10 -4.00 2.19
CA ILE A 297 -11.97 -4.21 3.64
C ILE A 297 -12.33 -2.96 4.43
N VAL A 298 -13.16 -2.11 3.83
CA VAL A 298 -13.57 -0.87 4.46
C VAL A 298 -14.54 -1.11 5.60
N TYR A 299 -15.38 -2.15 5.48
CA TYR A 299 -16.34 -2.44 6.54
C TYR A 299 -15.62 -2.68 7.88
N PHE A 300 -14.53 -3.45 7.84
CA PHE A 300 -13.77 -3.75 9.06
C PHE A 300 -13.10 -2.51 9.66
N HIS A 301 -12.56 -1.65 8.81
CA HIS A 301 -11.86 -0.45 9.25
C HIS A 301 -12.71 0.76 9.60
N SER A 302 -13.91 0.85 9.04
CA SER A 302 -14.76 2.01 9.28
C SER A 302 -15.86 1.77 10.31
N LEU A 303 -16.17 0.51 10.57
CA LEU A 303 -17.22 0.15 11.51
C LEU A 303 -16.72 -0.64 12.73
N PHE A 304 -16.26 -1.87 12.54
CA PHE A 304 -15.78 -2.66 13.68
C PHE A 304 -14.62 -2.01 14.44
N TRP A 305 -13.59 -1.60 13.70
CA TRP A 305 -12.36 -1.00 14.25
C TRP A 305 -12.56 0.23 15.16
N PRO A 306 -13.22 1.29 14.65
CA PRO A 306 -13.41 2.49 15.48
C PRO A 306 -14.24 2.17 16.73
N ALA A 307 -15.20 1.28 16.58
CA ALA A 307 -16.06 0.88 17.69
C ALA A 307 -15.25 0.13 18.73
N MET A 308 -14.38 -0.77 18.27
CA MET A 308 -13.53 -1.55 19.16
C MET A 308 -12.63 -0.64 20.00
N LEU A 309 -12.03 0.35 19.34
CA LEU A 309 -11.15 1.31 20.02
C LEU A 309 -11.94 2.14 21.04
N GLU A 310 -13.08 2.65 20.61
CA GLU A 310 -13.94 3.46 21.48
C GLU A 310 -14.32 2.68 22.76
N GLY A 311 -14.74 1.44 22.56
CA GLY A 311 -15.14 0.60 23.67
C GLY A 311 -14.02 0.13 24.56
N SER A 312 -12.77 0.28 24.10
CA SER A 312 -11.62 -0.14 24.89
C SER A 312 -10.77 1.06 25.35
N ASN A 313 -11.34 2.25 25.24
CA ASN A 313 -10.67 3.49 25.67
C ASN A 313 -9.40 3.88 24.91
N PHE A 314 -9.39 3.67 23.59
CA PHE A 314 -8.26 4.07 22.76
C PHE A 314 -8.73 5.08 21.72
N ARG A 315 -7.81 5.87 21.18
CA ARG A 315 -8.17 6.87 20.15
C ARG A 315 -8.55 6.14 18.86
N LYS A 316 -9.30 6.84 18.01
CA LYS A 316 -9.75 6.28 16.73
C LYS A 316 -8.94 6.83 15.57
N PRO A 317 -9.04 6.21 14.38
CA PRO A 317 -8.28 6.71 13.23
C PRO A 317 -8.61 8.16 12.90
N SER A 318 -7.61 8.94 12.48
CA SER A 318 -7.84 10.33 12.10
C SER A 318 -8.57 10.29 10.76
N ASN A 319 -8.18 9.35 9.91
CA ASN A 319 -8.81 9.20 8.61
C ASN A 319 -8.47 7.86 7.99
N LEU A 320 -9.29 7.44 7.03
CA LEU A 320 -9.04 6.20 6.30
C LEU A 320 -8.82 6.66 4.86
N PHE A 321 -7.76 6.15 4.23
CA PHE A 321 -7.44 6.49 2.85
C PHE A 321 -7.66 5.23 2.02
N VAL A 322 -8.77 5.20 1.30
CA VAL A 322 -9.16 4.05 0.49
C VAL A 322 -8.81 4.20 -0.97
N HIS A 323 -8.31 3.13 -1.58
CA HIS A 323 -7.93 3.13 -2.99
C HIS A 323 -8.71 2.06 -3.74
N GLY A 324 -8.73 2.19 -5.07
CA GLY A 324 -9.44 1.23 -5.91
C GLY A 324 -8.55 0.04 -6.23
N TYR A 325 -9.00 -0.78 -7.17
CA TYR A 325 -8.27 -1.98 -7.57
C TYR A 325 -7.39 -1.77 -8.80
N VAL A 326 -6.33 -2.56 -8.87
CA VAL A 326 -5.43 -2.49 -10.02
C VAL A 326 -5.95 -3.43 -11.10
N THR A 327 -5.96 -2.95 -12.34
CA THR A 327 -6.36 -3.78 -13.47
C THR A 327 -5.15 -3.74 -14.41
N VAL A 328 -5.01 -4.76 -15.24
CA VAL A 328 -3.91 -4.81 -16.20
C VAL A 328 -4.53 -4.89 -17.59
N ASN A 329 -4.18 -3.94 -18.45
CA ASN A 329 -4.73 -3.87 -19.80
C ASN A 329 -6.24 -3.74 -19.73
N GLY A 330 -6.71 -3.03 -18.70
CA GLY A 330 -8.13 -2.78 -18.53
C GLY A 330 -8.98 -3.81 -17.82
N ALA A 331 -8.42 -4.96 -17.49
CA ALA A 331 -9.20 -6.00 -16.83
C ALA A 331 -8.52 -6.57 -15.59
N LYS A 332 -9.31 -7.25 -14.77
CA LYS A 332 -8.81 -7.90 -13.57
C LYS A 332 -7.64 -8.77 -13.99
N MET A 333 -6.62 -8.89 -13.14
CA MET A 333 -5.46 -9.70 -13.49
C MET A 333 -5.92 -11.11 -13.88
N SER A 334 -5.37 -11.59 -15.00
CA SER A 334 -5.69 -12.90 -15.54
C SER A 334 -4.47 -13.80 -15.61
N LYS A 335 -4.52 -14.91 -14.88
CA LYS A 335 -3.41 -15.86 -14.87
C LYS A 335 -3.17 -16.47 -16.24
N SER A 336 -4.24 -16.76 -16.97
CA SER A 336 -4.12 -17.35 -18.29
C SER A 336 -3.49 -16.41 -19.30
N ARG A 337 -3.76 -15.11 -19.16
CA ARG A 337 -3.21 -14.12 -20.06
C ARG A 337 -1.83 -13.63 -19.63
N GLY A 338 -1.41 -14.06 -18.45
CA GLY A 338 -0.11 -13.65 -17.95
C GLY A 338 -0.09 -12.23 -17.42
N THR A 339 -1.23 -11.75 -16.92
CA THR A 339 -1.29 -10.40 -16.38
C THR A 339 -1.43 -10.44 -14.87
N PHE A 340 -1.37 -11.63 -14.29
CA PHE A 340 -1.40 -11.77 -12.84
C PHE A 340 0.09 -11.78 -12.54
N ILE A 341 0.63 -10.60 -12.25
CA ILE A 341 2.05 -10.41 -12.02
C ILE A 341 2.46 -10.26 -10.57
N LYS A 342 3.42 -11.09 -10.13
CA LYS A 342 3.92 -11.02 -8.77
C LYS A 342 4.95 -9.90 -8.68
N ALA A 343 5.10 -9.32 -7.50
CA ALA A 343 6.06 -8.24 -7.28
C ALA A 343 7.47 -8.73 -7.60
N SER A 344 7.81 -9.93 -7.12
CA SER A 344 9.14 -10.47 -7.37
C SER A 344 9.39 -10.61 -8.89
N THR A 345 8.40 -11.11 -9.61
CA THR A 345 8.53 -11.29 -11.06
C THR A 345 8.78 -9.96 -11.76
N TRP A 346 8.02 -8.93 -11.36
CA TRP A 346 8.18 -7.61 -11.96
C TRP A 346 9.64 -7.14 -11.89
N LEU A 347 10.25 -7.30 -10.72
CA LEU A 347 11.63 -6.84 -10.52
C LEU A 347 12.67 -7.55 -11.39
N ASN A 348 12.30 -8.70 -11.94
CA ASN A 348 13.20 -9.44 -12.84
C ASN A 348 13.25 -8.75 -14.21
N HIS A 349 12.20 -8.00 -14.52
CA HIS A 349 12.07 -7.34 -15.81
C HIS A 349 12.24 -5.81 -15.82
N PHE A 350 11.74 -5.16 -14.78
CA PHE A 350 11.83 -3.71 -14.69
C PHE A 350 12.28 -3.25 -13.32
N ASP A 351 12.58 -1.97 -13.17
CA ASP A 351 12.98 -1.47 -11.87
C ASP A 351 11.74 -1.03 -11.11
N ALA A 352 11.90 -0.75 -9.82
CA ALA A 352 10.78 -0.32 -8.99
C ALA A 352 10.29 1.08 -9.36
N ASP A 353 11.21 1.99 -9.65
CA ASP A 353 10.84 3.36 -9.99
C ASP A 353 9.83 3.47 -11.13
N SER A 354 9.96 2.62 -12.15
CA SER A 354 9.05 2.67 -13.28
C SER A 354 7.59 2.46 -12.88
N LEU A 355 7.33 1.45 -12.06
CA LEU A 355 5.96 1.17 -11.62
C LEU A 355 5.50 2.25 -10.64
N ARG A 356 6.37 2.64 -9.72
CA ARG A 356 6.04 3.67 -8.76
C ARG A 356 5.57 4.92 -9.50
N TYR A 357 6.31 5.31 -10.54
CA TYR A 357 5.95 6.49 -11.32
C TYR A 357 4.63 6.33 -12.06
N TYR A 358 4.44 5.20 -12.74
CA TYR A 358 3.22 4.95 -13.50
C TYR A 358 1.99 5.01 -12.59
N TYR A 359 2.03 4.31 -11.47
CA TYR A 359 0.92 4.32 -10.52
C TYR A 359 0.64 5.72 -10.01
N THR A 360 1.70 6.43 -9.63
CA THR A 360 1.57 7.77 -9.09
C THR A 360 0.94 8.74 -10.10
N ALA A 361 1.31 8.60 -11.37
CA ALA A 361 0.75 9.48 -12.40
C ALA A 361 -0.74 9.25 -12.59
N LYS A 362 -1.23 8.08 -12.17
CA LYS A 362 -2.65 7.76 -12.32
C LYS A 362 -3.48 7.84 -11.04
N LEU A 363 -2.82 7.94 -9.90
CA LEU A 363 -3.52 8.00 -8.62
C LEU A 363 -4.19 9.32 -8.31
N SER A 364 -5.29 9.24 -7.56
CA SER A 364 -6.05 10.42 -7.14
C SER A 364 -6.53 10.18 -5.71
N SER A 365 -7.35 11.11 -5.20
CA SER A 365 -7.87 11.00 -3.84
C SER A 365 -9.19 10.23 -3.78
N ARG A 366 -9.64 9.71 -4.92
CA ARG A 366 -10.89 8.95 -4.97
C ARG A 366 -10.60 7.45 -4.94
N ILE A 367 -11.66 6.64 -4.84
CA ILE A 367 -11.49 5.19 -4.78
C ILE A 367 -11.58 4.46 -6.13
N ASP A 368 -11.39 5.19 -7.23
CA ASP A 368 -11.44 4.63 -8.58
C ASP A 368 -10.35 3.60 -8.87
N ASP A 369 -10.63 2.67 -9.79
CA ASP A 369 -9.65 1.64 -10.16
C ASP A 369 -8.49 2.25 -10.93
N ILE A 370 -7.33 1.61 -10.84
CA ILE A 370 -6.13 2.09 -11.52
C ILE A 370 -5.70 1.07 -12.57
N ASP A 371 -5.64 1.50 -13.82
CA ASP A 371 -5.27 0.59 -14.89
C ASP A 371 -3.82 0.65 -15.33
N LEU A 372 -3.15 -0.50 -15.28
CA LEU A 372 -1.77 -0.60 -15.73
C LEU A 372 -1.81 -1.11 -17.17
N ASN A 373 -1.86 -0.20 -18.13
CA ASN A 373 -1.88 -0.59 -19.53
C ASN A 373 -0.40 -0.72 -19.89
N LEU A 374 0.03 -1.94 -20.17
CA LEU A 374 1.43 -2.21 -20.48
C LEU A 374 2.03 -1.42 -21.64
N GLU A 375 1.24 -1.22 -22.69
CA GLU A 375 1.71 -0.44 -23.83
C GLU A 375 1.95 0.99 -23.39
N ASP A 376 0.97 1.55 -22.68
CA ASP A 376 1.06 2.92 -22.21
C ASP A 376 2.19 3.07 -21.20
N PHE A 377 2.46 2.01 -20.45
CA PHE A 377 3.52 2.00 -19.45
C PHE A 377 4.86 2.33 -20.12
N VAL A 378 5.18 1.58 -21.18
CA VAL A 378 6.42 1.79 -21.92
C VAL A 378 6.49 3.23 -22.43
N GLN A 379 5.41 3.71 -23.01
CA GLN A 379 5.35 5.06 -23.56
C GLN A 379 5.47 6.16 -22.52
N ARG A 380 4.74 6.03 -21.41
CA ARG A 380 4.79 7.04 -20.36
C ARG A 380 6.17 7.15 -19.72
N VAL A 381 6.75 6.00 -19.36
CA VAL A 381 8.08 5.97 -18.75
C VAL A 381 9.14 6.60 -19.65
N ASN A 382 9.15 6.22 -20.92
CA ASN A 382 10.14 6.78 -21.85
C ASN A 382 9.92 8.27 -22.10
N ALA A 383 8.67 8.67 -22.29
CA ALA A 383 8.37 10.07 -22.57
C ALA A 383 8.59 11.00 -21.38
N ASP A 384 8.16 10.59 -20.19
CA ASP A 384 8.27 11.42 -19.01
C ASP A 384 9.59 11.36 -18.25
N ILE A 385 9.99 10.17 -17.82
CA ILE A 385 11.23 10.04 -17.06
C ILE A 385 12.48 10.24 -17.91
N VAL A 386 12.63 9.42 -18.95
CA VAL A 386 13.78 9.50 -19.83
C VAL A 386 13.86 10.78 -20.67
N ASN A 387 12.81 11.07 -21.42
CA ASN A 387 12.79 12.22 -22.32
C ASN A 387 12.54 13.62 -21.78
N LYS A 388 11.86 13.73 -20.63
CA LYS A 388 11.59 15.05 -20.09
C LYS A 388 12.48 15.42 -18.91
N VAL A 389 12.47 14.59 -17.87
CA VAL A 389 13.26 14.88 -16.69
C VAL A 389 14.74 14.53 -16.80
N VAL A 390 15.05 13.25 -16.96
CA VAL A 390 16.45 12.84 -17.05
C VAL A 390 17.17 13.53 -18.20
N ASN A 391 16.43 13.80 -19.28
CA ASN A 391 16.99 14.47 -20.44
C ASN A 391 17.61 15.80 -20.06
N LEU A 392 16.95 16.50 -19.14
CA LEU A 392 17.42 17.80 -18.67
C LEU A 392 18.85 17.72 -18.13
N ALA A 393 19.16 16.60 -17.47
CA ALA A 393 20.49 16.40 -16.93
C ALA A 393 21.46 15.89 -17.99
N SER A 394 21.07 14.85 -18.71
CA SER A 394 21.93 14.24 -19.73
C SER A 394 22.34 15.16 -20.87
N ARG A 395 21.46 16.04 -21.31
CA ARG A 395 21.79 16.94 -22.42
C ARG A 395 22.71 18.09 -21.99
N ASN A 396 22.82 18.33 -20.68
CA ASN A 396 23.64 19.43 -20.18
C ASN A 396 24.90 19.08 -19.41
N ALA A 397 24.90 17.94 -18.71
CA ALA A 397 26.05 17.52 -17.92
C ALA A 397 27.34 17.31 -18.72
N GLY A 398 27.21 16.81 -19.93
CA GLY A 398 28.38 16.57 -20.76
C GLY A 398 29.26 17.78 -20.98
N PHE A 399 28.64 18.91 -21.34
CA PHE A 399 29.38 20.15 -21.56
C PHE A 399 30.04 20.65 -20.28
N ILE A 400 29.32 20.57 -19.17
CA ILE A 400 29.84 21.03 -17.89
C ILE A 400 31.08 20.24 -17.48
N ASN A 401 31.01 18.92 -17.59
CA ASN A 401 32.12 18.07 -17.21
C ASN A 401 33.34 18.16 -18.11
N LYS A 402 33.12 18.20 -19.42
CA LYS A 402 34.22 18.25 -20.37
C LYS A 402 34.78 19.62 -20.72
N ARG A 403 33.94 20.65 -20.67
CA ARG A 403 34.38 22.00 -21.00
C ARG A 403 34.65 22.87 -19.77
N PHE A 404 34.00 22.57 -18.65
CA PHE A 404 34.18 23.40 -17.46
C PHE A 404 34.55 22.66 -16.17
N ASP A 405 35.21 21.52 -16.31
CA ASP A 405 35.65 20.72 -15.17
C ASP A 405 34.58 20.43 -14.11
N GLY A 406 33.36 20.21 -14.57
CA GLY A 406 32.26 19.91 -13.66
C GLY A 406 31.77 21.05 -12.80
N VAL A 407 32.20 22.29 -13.10
CA VAL A 407 31.77 23.42 -12.29
C VAL A 407 30.61 24.21 -12.91
N LEU A 408 29.55 24.40 -12.12
CA LEU A 408 28.39 25.14 -12.56
C LEU A 408 28.62 26.65 -12.45
N ALA A 409 27.91 27.40 -13.28
CA ALA A 409 28.01 28.85 -13.32
C ALA A 409 27.77 29.51 -11.97
N SER A 410 28.34 30.70 -11.80
CA SER A 410 28.21 31.45 -10.55
C SER A 410 26.87 32.18 -10.41
N GLU A 411 26.09 32.22 -11.48
CA GLU A 411 24.79 32.87 -11.43
C GLU A 411 23.78 32.14 -12.31
N LEU A 412 22.50 32.30 -12.00
CA LEU A 412 21.43 31.69 -12.78
C LEU A 412 21.28 32.51 -14.07
N ALA A 413 21.22 31.84 -15.21
CA ALA A 413 21.08 32.55 -16.48
C ALA A 413 19.70 33.19 -16.60
N ASP A 414 18.68 32.53 -16.05
CA ASP A 414 17.31 33.04 -16.13
C ASP A 414 16.62 32.95 -14.77
N PRO A 415 16.87 33.93 -13.89
CA PRO A 415 16.28 33.98 -12.55
C PRO A 415 14.75 33.89 -12.53
N GLN A 416 14.09 34.54 -13.48
CA GLN A 416 12.63 34.51 -13.53
C GLN A 416 12.11 33.10 -13.74
N LEU A 417 12.69 32.40 -14.70
CA LEU A 417 12.29 31.04 -14.99
C LEU A 417 12.46 30.16 -13.76
N TYR A 418 13.58 30.35 -13.06
CA TYR A 418 13.86 29.57 -11.86
C TYR A 418 12.79 29.86 -10.79
N LYS A 419 12.38 31.13 -10.70
CA LYS A 419 11.37 31.50 -9.71
C LYS A 419 10.05 30.82 -10.04
N THR A 420 9.75 30.69 -11.33
CA THR A 420 8.52 30.03 -11.76
C THR A 420 8.52 28.60 -11.21
N PHE A 421 9.67 27.94 -11.27
CA PHE A 421 9.79 26.57 -10.78
C PHE A 421 9.64 26.45 -9.26
N THR A 422 10.33 27.31 -8.51
CA THR A 422 10.23 27.25 -7.06
C THR A 422 8.86 27.72 -6.55
N ASP A 423 8.22 28.61 -7.30
CA ASP A 423 6.89 29.13 -6.95
C ASP A 423 5.84 28.01 -6.96
N ALA A 424 6.11 26.96 -7.73
CA ALA A 424 5.18 25.84 -7.83
C ALA A 424 5.21 24.86 -6.66
N ALA A 425 6.19 25.01 -5.77
CA ALA A 425 6.30 24.10 -4.63
C ALA A 425 5.04 24.01 -3.78
N GLU A 426 4.43 25.16 -3.50
CA GLU A 426 3.22 25.20 -2.68
C GLU A 426 2.12 24.30 -3.24
N VAL A 427 1.76 24.50 -4.50
CA VAL A 427 0.70 23.71 -5.12
C VAL A 427 1.06 22.24 -5.31
N ILE A 428 2.32 21.96 -5.65
CA ILE A 428 2.71 20.57 -5.82
C ILE A 428 2.72 19.84 -4.47
N GLY A 429 3.17 20.54 -3.43
CA GLY A 429 3.19 19.94 -2.10
C GLY A 429 1.78 19.67 -1.62
N GLU A 430 0.86 20.57 -1.92
CA GLU A 430 -0.53 20.39 -1.51
C GLU A 430 -1.11 19.19 -2.25
N ALA A 431 -0.66 18.99 -3.49
CA ALA A 431 -1.15 17.86 -4.28
C ALA A 431 -0.67 16.56 -3.63
N TRP A 432 0.59 16.52 -3.23
CA TRP A 432 1.11 15.32 -2.58
C TRP A 432 0.32 15.12 -1.28
N GLU A 433 0.23 16.19 -0.50
CA GLU A 433 -0.47 16.17 0.78
C GLU A 433 -1.90 15.66 0.69
N SER A 434 -2.66 16.18 -0.27
CA SER A 434 -4.06 15.80 -0.46
C SER A 434 -4.23 14.48 -1.21
N ARG A 435 -3.13 13.85 -1.58
CA ARG A 435 -3.16 12.57 -2.27
C ARG A 435 -3.60 12.69 -3.74
N GLU A 436 -3.58 13.91 -4.27
CA GLU A 436 -3.93 14.13 -5.67
C GLU A 436 -2.62 13.96 -6.44
N PHE A 437 -2.12 12.73 -6.45
CA PHE A 437 -0.87 12.38 -7.12
C PHE A 437 -0.87 12.70 -8.60
N GLY A 438 -1.97 12.41 -9.28
CA GLY A 438 -2.06 12.67 -10.71
C GLY A 438 -1.86 14.14 -11.00
N LYS A 439 -2.43 14.98 -10.14
CA LYS A 439 -2.31 16.43 -10.28
C LYS A 439 -0.86 16.86 -10.09
N ALA A 440 -0.21 16.33 -9.06
CA ALA A 440 1.18 16.68 -8.79
C ALA A 440 2.06 16.35 -10.00
N VAL A 441 1.90 15.15 -10.54
CA VAL A 441 2.69 14.73 -11.69
C VAL A 441 2.44 15.61 -12.91
N ARG A 442 1.17 15.93 -13.20
CA ARG A 442 0.89 16.78 -14.34
C ARG A 442 1.59 18.13 -14.20
N GLU A 443 1.55 18.71 -13.00
CA GLU A 443 2.21 19.98 -12.73
C GLU A 443 3.72 19.87 -12.90
N ILE A 444 4.30 18.77 -12.39
CA ILE A 444 5.74 18.55 -12.50
C ILE A 444 6.17 18.39 -13.95
N MET A 445 5.41 17.62 -14.73
CA MET A 445 5.75 17.41 -16.12
C MET A 445 5.54 18.69 -16.92
N ALA A 446 4.58 19.51 -16.51
CA ALA A 446 4.33 20.78 -17.20
C ALA A 446 5.60 21.62 -17.04
N LEU A 447 6.19 21.59 -15.85
CA LEU A 447 7.41 22.34 -15.60
C LEU A 447 8.54 21.79 -16.46
N ALA A 448 8.62 20.46 -16.54
CA ALA A 448 9.65 19.81 -17.36
C ALA A 448 9.56 20.25 -18.82
N ASP A 449 8.35 20.41 -19.33
CA ASP A 449 8.18 20.84 -20.73
C ASP A 449 8.78 22.25 -20.87
N LEU A 450 8.50 23.08 -19.88
CA LEU A 450 8.99 24.45 -19.87
C LEU A 450 10.52 24.46 -19.83
N ALA A 451 11.10 23.60 -19.00
CA ALA A 451 12.56 23.50 -18.89
C ALA A 451 13.19 23.07 -20.21
N ASN A 452 12.60 22.07 -20.85
CA ASN A 452 13.14 21.60 -22.12
C ASN A 452 12.94 22.62 -23.24
N ARG A 453 11.90 23.43 -23.14
CA ARG A 453 11.64 24.47 -24.13
C ARG A 453 12.75 25.51 -23.97
N TYR A 454 13.08 25.83 -22.72
CA TYR A 454 14.15 26.79 -22.45
C TYR A 454 15.43 26.31 -23.11
N VAL A 455 15.80 25.06 -22.89
CA VAL A 455 17.03 24.51 -23.47
C VAL A 455 16.97 24.57 -24.99
N ASP A 456 15.82 24.24 -25.58
CA ASP A 456 15.68 24.30 -27.02
C ASP A 456 15.90 25.72 -27.53
N GLU A 457 15.32 26.69 -26.82
CA GLU A 457 15.45 28.10 -27.18
C GLU A 457 16.89 28.58 -27.16
N GLN A 458 17.67 28.08 -26.21
CA GLN A 458 19.06 28.49 -26.09
C GLN A 458 19.96 27.70 -27.05
N ALA A 459 19.49 26.52 -27.44
CA ALA A 459 20.23 25.66 -28.36
C ALA A 459 21.72 25.53 -28.04
N PRO A 460 22.05 24.90 -26.90
CA PRO A 460 23.45 24.73 -26.51
C PRO A 460 24.31 23.98 -27.53
N TRP A 461 23.69 23.14 -28.35
CA TRP A 461 24.43 22.40 -29.35
C TRP A 461 24.95 23.34 -30.45
N VAL A 462 24.31 24.50 -30.56
CA VAL A 462 24.72 25.52 -31.54
C VAL A 462 25.77 26.40 -30.89
N VAL A 463 25.48 26.87 -29.68
CA VAL A 463 26.40 27.72 -28.93
C VAL A 463 27.74 27.03 -28.70
N ALA A 464 27.69 25.71 -28.50
CA ALA A 464 28.89 24.92 -28.25
C ALA A 464 29.92 25.05 -29.37
N LYS A 465 29.46 25.19 -30.60
CA LYS A 465 30.38 25.31 -31.74
C LYS A 465 30.68 26.75 -32.18
N GLN A 466 30.22 27.72 -31.41
CA GLN A 466 30.47 29.13 -31.72
C GLN A 466 31.60 29.64 -30.82
N GLU A 467 32.70 30.07 -31.43
CA GLU A 467 33.85 30.58 -30.69
C GLU A 467 33.52 31.79 -29.82
N GLY A 468 34.12 31.84 -28.64
CA GLY A 468 33.91 32.95 -27.71
C GLY A 468 32.63 32.88 -26.90
N ARG A 469 31.84 31.84 -27.10
CA ARG A 469 30.58 31.68 -26.37
C ARG A 469 30.69 30.72 -25.19
N ASP A 470 31.91 30.46 -24.73
CA ASP A 470 32.12 29.53 -23.62
C ASP A 470 31.31 29.89 -22.37
N ALA A 471 31.42 31.13 -21.92
CA ALA A 471 30.69 31.57 -20.73
C ALA A 471 29.18 31.36 -20.89
N ASP A 472 28.68 31.59 -22.10
CA ASP A 472 27.26 31.41 -22.37
C ASP A 472 26.85 29.94 -22.32
N LEU A 473 27.71 29.06 -22.81
CA LEU A 473 27.40 27.63 -22.80
C LEU A 473 27.28 27.13 -21.36
N GLN A 474 28.24 27.51 -20.52
CA GLN A 474 28.22 27.09 -19.14
C GLN A 474 26.97 27.62 -18.46
N ALA A 475 26.59 28.86 -18.79
CA ALA A 475 25.41 29.49 -18.22
C ALA A 475 24.15 28.70 -18.58
N ILE A 476 24.00 28.38 -19.87
CA ILE A 476 22.85 27.65 -20.36
C ILE A 476 22.73 26.25 -19.74
N CYS A 477 23.82 25.49 -19.79
CA CYS A 477 23.82 24.14 -19.25
C CYS A 477 23.63 24.11 -17.74
N SER A 478 24.19 25.10 -17.05
CA SER A 478 24.06 25.17 -15.60
C SER A 478 22.60 25.42 -15.24
N MET A 479 21.93 26.24 -16.05
CA MET A 479 20.53 26.59 -15.84
C MET A 479 19.66 25.34 -15.98
N GLY A 480 19.91 24.53 -17.01
CA GLY A 480 19.14 23.31 -17.20
C GLY A 480 19.31 22.33 -16.05
N ILE A 481 20.52 22.26 -15.52
CA ILE A 481 20.82 21.35 -14.41
C ILE A 481 20.13 21.80 -13.12
N ASN A 482 19.99 23.11 -12.91
CA ASN A 482 19.33 23.60 -11.71
C ASN A 482 17.82 23.34 -11.79
N LEU A 483 17.27 23.39 -13.00
CA LEU A 483 15.86 23.13 -13.20
C LEU A 483 15.62 21.64 -12.93
N PHE A 484 16.59 20.82 -13.30
CA PHE A 484 16.54 19.38 -13.06
C PHE A 484 16.56 19.15 -11.54
N ARG A 485 17.42 19.90 -10.84
CA ARG A 485 17.54 19.79 -9.39
C ARG A 485 16.16 19.97 -8.76
N VAL A 486 15.45 21.03 -9.16
CA VAL A 486 14.12 21.31 -8.62
C VAL A 486 13.12 20.19 -8.92
N LEU A 487 13.07 19.75 -10.17
CA LEU A 487 12.15 18.69 -10.57
C LEU A 487 12.35 17.40 -9.79
N MET A 488 13.60 16.98 -9.65
CA MET A 488 13.90 15.76 -8.91
C MET A 488 13.51 15.90 -7.45
N THR A 489 13.50 17.13 -6.96
CA THR A 489 13.12 17.37 -5.57
C THR A 489 11.62 17.07 -5.43
N TYR A 490 10.83 17.55 -6.39
CA TYR A 490 9.39 17.33 -6.37
C TYR A 490 9.06 15.85 -6.58
N LEU A 491 9.92 15.16 -7.32
CA LEU A 491 9.73 13.73 -7.61
C LEU A 491 10.40 12.80 -6.61
N LYS A 492 11.17 13.35 -5.67
CA LYS A 492 11.88 12.53 -4.69
C LYS A 492 10.99 11.51 -3.97
N PRO A 493 9.76 11.90 -3.61
CA PRO A 493 8.89 10.92 -2.92
C PRO A 493 8.50 9.76 -3.82
N VAL A 494 8.55 10.00 -5.13
CA VAL A 494 8.15 9.02 -6.13
C VAL A 494 9.21 8.06 -6.64
N LEU A 495 10.41 8.59 -6.90
CA LEU A 495 11.50 7.81 -7.46
C LEU A 495 12.74 7.79 -6.56
N PRO A 496 12.69 6.99 -5.48
CA PRO A 496 13.80 6.87 -4.52
C PRO A 496 15.17 6.57 -5.12
N LYS A 497 15.25 5.62 -6.05
CA LYS A 497 16.55 5.25 -6.62
C LYS A 497 17.10 6.26 -7.62
N LEU A 498 16.25 6.72 -8.54
CA LEU A 498 16.69 7.72 -9.50
C LEU A 498 17.14 8.93 -8.69
N THR A 499 16.43 9.21 -7.61
CA THR A 499 16.79 10.35 -6.77
C THR A 499 18.19 10.19 -6.19
N GLU A 500 18.52 8.98 -5.74
CA GLU A 500 19.84 8.74 -5.17
C GLU A 500 20.91 8.96 -6.24
N ARG A 501 20.65 8.49 -7.46
CA ARG A 501 21.60 8.68 -8.55
C ARG A 501 21.70 10.15 -8.91
N ALA A 502 20.59 10.87 -8.77
CA ALA A 502 20.57 12.30 -9.05
C ALA A 502 21.40 13.07 -8.01
N GLU A 503 21.26 12.67 -6.74
CA GLU A 503 21.99 13.32 -5.65
C GLU A 503 23.49 13.05 -5.75
N ALA A 504 23.87 11.88 -6.26
CA ALA A 504 25.29 11.54 -6.41
C ALA A 504 25.89 12.44 -7.49
N PHE A 505 25.15 12.61 -8.59
CA PHE A 505 25.60 13.46 -9.70
C PHE A 505 25.68 14.91 -9.25
N LEU A 506 24.64 15.38 -8.58
CA LEU A 506 24.58 16.77 -8.11
C LEU A 506 25.45 17.07 -6.89
N ASN A 507 25.96 16.03 -6.23
CA ASN A 507 26.78 16.22 -5.03
C ASN A 507 26.00 16.97 -3.97
N THR A 508 24.74 16.60 -3.78
CA THR A 508 23.89 17.26 -2.79
C THR A 508 22.66 16.43 -2.50
N GLU A 509 22.24 16.44 -1.25
CA GLU A 509 21.02 15.75 -0.85
C GLU A 509 19.91 16.73 -1.26
N LEU A 510 18.80 16.21 -1.74
CA LEU A 510 17.70 17.08 -2.14
C LEU A 510 16.69 17.24 -1.01
N THR A 511 16.47 18.47 -0.57
CA THR A 511 15.50 18.74 0.48
C THR A 511 14.48 19.70 -0.10
N TRP A 512 13.27 19.67 0.46
CA TRP A 512 12.19 20.51 -0.03
C TRP A 512 12.55 22.00 -0.01
N ASP A 513 13.11 22.48 1.10
CA ASP A 513 13.47 23.90 1.20
C ASP A 513 14.74 24.27 0.41
N GLY A 514 15.60 23.28 0.19
CA GLY A 514 16.85 23.52 -0.53
C GLY A 514 16.74 24.14 -1.90
N ILE A 515 15.63 23.94 -2.59
CA ILE A 515 15.47 24.51 -3.93
C ILE A 515 15.54 26.04 -3.94
N GLN A 516 15.28 26.64 -2.78
CA GLN A 516 15.34 28.10 -2.67
C GLN A 516 16.77 28.60 -2.86
N GLN A 517 17.74 27.70 -2.77
CA GLN A 517 19.14 28.06 -2.96
C GLN A 517 19.69 27.27 -4.15
N PRO A 518 19.69 27.87 -5.35
CA PRO A 518 20.23 27.14 -6.51
C PRO A 518 21.71 26.79 -6.35
N LEU A 519 22.17 25.82 -7.13
CA LEU A 519 23.57 25.40 -7.10
C LEU A 519 24.39 26.34 -7.97
N LEU A 520 25.27 27.12 -7.34
CA LEU A 520 26.10 28.09 -8.06
C LEU A 520 27.58 27.87 -7.71
N GLY A 521 28.45 27.96 -8.72
CA GLY A 521 29.89 27.75 -8.50
C GLY A 521 30.01 26.46 -7.71
N HIS A 522 29.28 25.46 -8.17
CA HIS A 522 29.18 24.16 -7.53
C HIS A 522 29.67 23.02 -8.43
N LYS A 523 30.46 22.12 -7.86
CA LYS A 523 31.03 20.99 -8.59
C LYS A 523 30.06 19.80 -8.66
N VAL A 524 29.81 19.32 -9.88
CA VAL A 524 28.92 18.16 -10.06
C VAL A 524 29.81 17.02 -10.53
N ASN A 525 29.32 15.78 -10.44
CA ASN A 525 30.10 14.64 -10.86
C ASN A 525 29.61 14.01 -12.15
N PRO A 526 30.54 13.46 -12.96
CA PRO A 526 30.11 12.82 -14.20
C PRO A 526 29.22 11.65 -13.76
N PHE A 527 28.36 11.14 -14.65
CA PHE A 527 27.50 10.02 -14.29
C PHE A 527 27.20 9.09 -15.44
N LYS A 528 27.05 7.79 -15.16
CA LYS A 528 26.69 6.82 -16.18
C LYS A 528 25.19 7.04 -16.34
N ALA A 529 24.57 6.43 -17.35
CA ALA A 529 23.13 6.57 -17.58
C ALA A 529 22.30 6.69 -16.30
N LEU A 530 21.49 7.73 -16.18
CA LEU A 530 20.65 7.89 -14.99
C LEU A 530 19.39 7.03 -15.09
N TYR A 531 18.93 6.83 -16.31
CA TYR A 531 17.74 6.04 -16.59
C TYR A 531 17.65 5.72 -18.09
N ASN A 532 17.59 4.43 -18.41
CA ASN A 532 17.51 4.00 -19.81
C ASN A 532 16.08 3.72 -20.27
N ARG A 533 15.87 3.78 -21.58
CA ARG A 533 14.57 3.52 -22.18
C ARG A 533 14.19 2.05 -22.03
N ILE A 534 12.90 1.77 -22.03
CA ILE A 534 12.41 0.40 -21.95
C ILE A 534 11.65 0.16 -23.24
N ASP A 535 11.27 -1.08 -23.52
CA ASP A 535 10.53 -1.37 -24.75
C ASP A 535 9.56 -2.51 -24.61
N MET A 536 8.62 -2.59 -25.56
CA MET A 536 7.60 -3.62 -25.56
C MET A 536 8.11 -5.05 -25.51
N ARG A 537 9.30 -5.30 -26.03
CA ARG A 537 9.84 -6.65 -25.99
C ARG A 537 10.00 -7.08 -24.54
N GLN A 538 10.35 -6.14 -23.67
CA GLN A 538 10.50 -6.45 -22.25
C GLN A 538 9.15 -6.74 -21.63
N VAL A 539 8.12 -6.05 -22.10
CA VAL A 539 6.76 -6.26 -21.61
C VAL A 539 6.30 -7.66 -22.02
N GLU A 540 6.57 -8.03 -23.26
CA GLU A 540 6.18 -9.35 -23.76
C GLU A 540 6.84 -10.44 -22.93
N ALA A 541 8.11 -10.23 -22.59
CA ALA A 541 8.84 -11.20 -21.77
C ALA A 541 8.22 -11.35 -20.38
N LEU A 542 7.80 -10.21 -19.80
CA LEU A 542 7.17 -10.19 -18.48
C LEU A 542 5.88 -10.99 -18.48
N VAL A 543 5.04 -10.76 -19.49
CA VAL A 543 3.77 -11.46 -19.60
C VAL A 543 4.00 -12.96 -19.81
N GLU A 544 4.90 -13.30 -20.70
CA GLU A 544 5.21 -14.69 -20.98
C GLU A 544 5.71 -15.42 -19.73
N ALA A 545 6.56 -14.75 -18.96
CA ALA A 545 7.09 -15.36 -17.74
C ALA A 545 5.95 -15.57 -16.75
N SER A 546 5.05 -14.60 -16.65
CA SER A 546 3.92 -14.71 -15.74
C SER A 546 2.99 -15.84 -16.13
N LYS A 547 2.83 -16.06 -17.44
CA LYS A 547 1.98 -17.16 -17.89
C LYS A 547 2.57 -18.47 -17.38
N GLU A 548 3.86 -18.66 -17.64
CA GLU A 548 4.59 -19.86 -17.24
C GLU A 548 4.69 -20.11 -15.75
N GLU A 549 4.60 -19.07 -14.95
CA GLU A 549 4.71 -19.22 -13.50
C GLU A 549 3.48 -19.80 -12.82
N VAL A 550 2.36 -19.82 -13.54
CA VAL A 550 1.13 -20.37 -12.98
C VAL A 550 0.44 -21.27 -14.00
ZN ZN B . -25.99 -25.09 -10.47
N2 MSP C . -5.17 -9.48 5.70
CA MSP C . -6.22 -8.57 5.21
CB MSP C . -6.10 -7.12 5.73
CG MSP C . -5.92 -6.96 7.25
SD MSP C . -5.81 -5.22 7.64
CE MSP C . -5.80 -5.29 9.44
C9 MSP C . -6.20 -8.56 3.67
N8 MSP C . -5.03 -9.04 3.16
S1 MSP C . -4.87 -9.05 1.56
O1S MSP C . -3.49 -9.46 1.43
O2S MSP C . -5.86 -9.88 0.96
O5' MSP C . -5.02 -7.58 1.01
C5' MSP C . -4.13 -6.54 1.44
C4' MSP C . -4.53 -5.23 0.75
O4' MSP C . -4.28 -5.41 -0.63
C3' MSP C . -6.03 -4.94 0.89
O3' MSP C . -6.18 -3.62 1.42
C2' MSP C . -6.56 -5.06 -0.53
O2' MSP C . -7.66 -4.20 -0.73
C1' MSP C . -5.32 -4.80 -1.38
N9 MSP C . -5.44 -5.47 -2.70
C8 MSP C . -5.50 -6.79 -3.00
N7 MSP C . -5.61 -7.03 -4.32
C5 MSP C . -5.64 -5.79 -4.92
C6 MSP C . -5.73 -5.32 -6.22
N6 MSP C . -5.84 -6.17 -7.25
N1 MSP C . -5.72 -4.00 -6.49
C2 MSP C . -5.61 -3.10 -5.47
N3 MSP C . -5.51 -3.46 -4.17
C4 MSP C . -5.53 -4.81 -3.90
O1 MSP C . -7.15 -8.08 3.08
#